data_8RJ9
#
_entry.id   8RJ9
#
_cell.length_a   80.776
_cell.length_b   72.609
_cell.length_c   78.111
_cell.angle_alpha   90.00
_cell.angle_beta   90.00
_cell.angle_gamma   90.00
#
_symmetry.space_group_name_H-M   'P 21 21 2'
#
loop_
_entity.id
_entity.type
_entity.pdbx_description
1 polymer 'Adenylate kinase'
2 non-polymer "ADENOSINE-5'-DIPHOSPHATE"
3 water water
#
_entity_poly.entity_id   1
_entity_poly.type   'polypeptide(L)'
_entity_poly.pdbx_seq_one_letter_code
;MRIILLGAPGAGKGTQAQFIMEKYGIPQISTGDMLRAAVKSGSELGKQAKDIMDAGKLVTDELVIALVKERIAQEDCRNG
FLLAGFPRTIPQADAMKEAGINVDYVLEFDVPDELIVDRIVGRRVHAPSGRVYHVKFNPPKVEGKDDVTGEELTTRKDDQ
EETVRKRLVEYHQMTAPLIGYYSKEAEAGNTKYAKVDGTKPVAEVRADLEKILG
;
_entity_poly.pdbx_strand_id   A,B
#
# COMPACT_ATOMS: atom_id res chain seq x y z
N MET A 1 0.00 -18.46 -24.99
CA MET A 1 -0.56 -17.65 -23.87
C MET A 1 0.49 -17.32 -22.84
N ARG A 2 0.59 -16.05 -22.49
CA ARG A 2 1.54 -15.57 -21.49
C ARG A 2 0.76 -14.90 -20.36
N ILE A 3 1.07 -15.31 -19.13
CA ILE A 3 0.32 -14.87 -17.95
C ILE A 3 1.26 -14.40 -16.85
N ILE A 4 0.90 -13.30 -16.19
CA ILE A 4 1.50 -12.91 -14.91
C ILE A 4 0.45 -13.09 -13.83
N LEU A 5 0.82 -13.75 -12.73
CA LEU A 5 0.01 -13.76 -11.52
C LEU A 5 0.57 -12.76 -10.52
N LEU A 6 -0.27 -11.82 -10.09
CA LEU A 6 0.10 -10.84 -9.08
C LEU A 6 -0.62 -11.14 -7.78
N GLY A 7 0.00 -10.79 -6.67
CA GLY A 7 -0.58 -10.92 -5.35
C GLY A 7 0.49 -11.05 -4.28
N ALA A 8 0.05 -10.81 -3.03
CA ALA A 8 0.91 -10.90 -1.87
C ALA A 8 1.46 -12.32 -1.74
N PRO A 9 2.57 -12.47 -1.02
CA PRO A 9 2.99 -13.80 -0.58
C PRO A 9 1.82 -14.50 0.07
N GLY A 10 1.62 -15.76 -0.30
CA GLY A 10 0.57 -16.55 0.28
C GLY A 10 -0.79 -16.37 -0.38
N ALA A 11 -0.89 -15.57 -1.43
CA ALA A 11 -2.20 -15.32 -2.03
C ALA A 11 -2.75 -16.51 -2.80
N GLY A 12 -1.90 -17.45 -3.23
CA GLY A 12 -2.34 -18.66 -3.92
C GLY A 12 -1.80 -18.81 -5.34
N LYS A 13 -0.76 -18.03 -5.66
CA LYS A 13 -0.27 -17.97 -7.03
C LYS A 13 0.33 -19.30 -7.46
N GLY A 14 1.22 -19.86 -6.62
CA GLY A 14 1.86 -21.11 -6.98
C GLY A 14 0.86 -22.24 -7.10
N THR A 15 -0.13 -22.24 -6.22
CA THR A 15 -1.20 -23.23 -6.25
C THR A 15 -1.95 -23.17 -7.58
N GLN A 16 -2.36 -21.97 -7.99
CA GLN A 16 -3.13 -21.87 -9.24
C GLN A 16 -2.26 -21.99 -10.48
N ALA A 17 -0.98 -21.61 -10.39
CA ALA A 17 -0.08 -21.79 -11.51
C ALA A 17 -0.01 -23.26 -11.92
N GLN A 18 -0.03 -24.18 -10.95
N GLN A 18 -0.04 -24.17 -10.95
CA GLN A 18 0.04 -25.59 -11.29
CA GLN A 18 0.04 -25.59 -11.25
C GLN A 18 -1.13 -26.01 -12.15
C GLN A 18 -1.13 -26.01 -12.13
N PHE A 19 -2.34 -25.57 -11.80
CA PHE A 19 -3.52 -25.94 -12.59
C PHE A 19 -3.41 -25.37 -14.00
N ILE A 20 -2.98 -24.13 -14.13
CA ILE A 20 -2.88 -23.51 -15.44
C ILE A 20 -1.86 -24.24 -16.30
N MET A 21 -0.73 -24.61 -15.71
N MET A 21 -0.69 -24.52 -15.71
CA MET A 21 0.28 -25.35 -16.46
CA MET A 21 0.29 -25.40 -16.37
C MET A 21 -0.26 -26.71 -16.91
C MET A 21 -0.39 -26.62 -16.94
N GLU A 22 -1.06 -27.36 -16.05
CA GLU A 22 -1.62 -28.65 -16.42
C GLU A 22 -2.64 -28.52 -17.54
N LYS A 23 -3.51 -27.51 -17.47
CA LYS A 23 -4.61 -27.40 -18.42
C LYS A 23 -4.19 -26.76 -19.73
N TYR A 24 -3.37 -25.74 -19.70
CA TYR A 24 -3.05 -24.99 -20.91
C TYR A 24 -1.67 -25.33 -21.46
N GLY A 25 -0.91 -26.18 -20.78
CA GLY A 25 0.35 -26.66 -21.32
C GLY A 25 1.42 -25.61 -21.45
N ILE A 26 1.50 -24.67 -20.52
CA ILE A 26 2.56 -23.67 -20.55
C ILE A 26 3.34 -23.81 -19.24
N PRO A 27 4.64 -23.61 -19.26
CA PRO A 27 5.42 -23.80 -18.04
C PRO A 27 5.21 -22.67 -17.03
N GLN A 28 5.26 -23.06 -15.77
CA GLN A 28 5.28 -22.13 -14.67
C GLN A 28 6.71 -21.68 -14.45
N ILE A 29 6.92 -20.37 -14.42
N ILE A 29 6.92 -20.37 -14.44
CA ILE A 29 8.20 -19.75 -14.13
CA ILE A 29 8.21 -19.75 -14.22
C ILE A 29 8.08 -19.11 -12.77
C ILE A 29 8.13 -19.03 -12.88
N SER A 30 8.61 -19.75 -11.75
N SER A 30 8.61 -19.69 -11.82
CA SER A 30 8.58 -19.25 -10.39
CA SER A 30 8.53 -19.16 -10.47
C SER A 30 10.00 -18.87 -9.99
C SER A 30 9.94 -18.87 -9.97
N THR A 31 10.25 -17.59 -9.77
CA THR A 31 11.57 -17.20 -9.35
C THR A 31 11.94 -17.74 -7.96
N GLY A 32 10.99 -17.84 -7.04
CA GLY A 32 11.29 -18.45 -5.76
C GLY A 32 11.76 -19.89 -5.91
N ASP A 33 11.01 -20.68 -6.70
CA ASP A 33 11.43 -22.05 -6.95
C ASP A 33 12.83 -22.10 -7.58
N MET A 34 13.07 -21.24 -8.59
N MET A 34 13.08 -21.22 -8.57
CA MET A 34 14.36 -21.25 -9.27
CA MET A 34 14.35 -21.26 -9.28
C MET A 34 15.48 -20.88 -8.32
C MET A 34 15.50 -20.84 -8.37
N LEU A 35 15.25 -19.86 -7.49
CA LEU A 35 16.26 -19.45 -6.52
C LEU A 35 16.54 -20.54 -5.50
N ARG A 36 15.48 -21.17 -4.97
CA ARG A 36 15.68 -22.23 -3.99
C ARG A 36 16.44 -23.38 -4.61
N ALA A 37 16.14 -23.69 -5.88
CA ALA A 37 16.83 -24.76 -6.59
C ALA A 37 18.30 -24.42 -6.81
N ALA A 38 18.60 -23.16 -7.11
CA ALA A 38 19.97 -22.73 -7.29
C ALA A 38 20.77 -22.85 -6.00
N VAL A 39 20.16 -22.47 -4.88
CA VAL A 39 20.80 -22.64 -3.57
C VAL A 39 21.07 -24.12 -3.31
N LYS A 40 20.07 -24.96 -3.55
CA LYS A 40 20.23 -26.39 -3.24
C LYS A 40 21.34 -27.02 -4.07
N SER A 41 21.44 -26.64 -5.34
CA SER A 41 22.44 -27.24 -6.22
C SER A 41 23.77 -26.50 -6.18
N GLY A 42 23.85 -25.37 -5.49
CA GLY A 42 25.05 -24.56 -5.52
C GLY A 42 25.35 -23.95 -6.87
N SER A 43 24.32 -23.68 -7.66
CA SER A 43 24.49 -23.14 -9.00
C SER A 43 25.02 -21.72 -8.92
N GLU A 44 26.01 -21.40 -9.77
CA GLU A 44 26.66 -20.10 -9.69
C GLU A 44 25.66 -18.97 -9.87
N LEU A 45 24.65 -19.15 -10.71
CA LEU A 45 23.59 -18.16 -10.91
C LEU A 45 22.45 -18.45 -9.94
N GLY A 46 22.55 -17.90 -8.74
CA GLY A 46 21.43 -17.95 -7.81
C GLY A 46 21.76 -18.44 -6.41
N LYS A 47 22.87 -19.17 -6.25
CA LYS A 47 23.23 -19.63 -4.92
C LYS A 47 23.40 -18.48 -3.95
N GLN A 48 23.68 -17.27 -4.47
CA GLN A 48 23.88 -16.10 -3.62
C GLN A 48 22.62 -15.75 -2.84
N ALA A 49 21.47 -16.30 -3.21
CA ALA A 49 20.19 -15.87 -2.64
C ALA A 49 19.91 -16.42 -1.26
N LYS A 50 20.70 -17.40 -0.80
CA LYS A 50 20.40 -18.13 0.42
C LYS A 50 20.10 -17.19 1.59
N ASP A 51 21.07 -16.32 1.93
CA ASP A 51 20.93 -15.50 3.12
C ASP A 51 19.86 -14.43 2.97
N ILE A 52 19.64 -13.96 1.74
CA ILE A 52 18.63 -12.95 1.47
C ILE A 52 17.24 -13.50 1.68
N MET A 53 16.96 -14.67 1.10
CA MET A 53 15.64 -15.25 1.28
C MET A 53 15.38 -15.53 2.75
N ASP A 54 16.41 -16.00 3.45
CA ASP A 54 16.35 -16.26 4.87
C ASP A 54 15.96 -15.02 5.64
N ALA A 55 16.39 -13.84 5.17
CA ALA A 55 16.10 -12.58 5.84
C ALA A 55 14.73 -12.03 5.46
N GLY A 56 14.00 -12.68 4.56
CA GLY A 56 12.74 -12.18 4.07
C GLY A 56 12.83 -11.03 3.10
N LYS A 57 14.02 -10.75 2.56
CA LYS A 57 14.21 -9.61 1.68
C LYS A 57 14.19 -10.05 0.23
N LEU A 58 14.00 -9.09 -0.67
CA LEU A 58 14.10 -9.39 -2.10
C LEU A 58 15.55 -9.56 -2.54
N VAL A 59 15.76 -10.57 -3.39
N VAL A 59 15.79 -10.54 -3.39
CA VAL A 59 16.99 -10.68 -4.15
CA VAL A 59 17.11 -10.60 -4.02
C VAL A 59 17.16 -9.45 -5.06
C VAL A 59 17.17 -9.59 -5.17
N THR A 60 18.39 -9.22 -5.54
CA THR A 60 18.59 -8.11 -6.46
C THR A 60 17.81 -8.31 -7.75
N ASP A 61 17.37 -7.19 -8.32
CA ASP A 61 16.75 -7.22 -9.63
C ASP A 61 17.64 -7.94 -10.64
N GLU A 62 18.94 -7.66 -10.65
CA GLU A 62 19.75 -8.18 -11.76
C GLU A 62 19.81 -9.70 -11.69
N LEU A 63 19.83 -10.27 -10.49
CA LEU A 63 19.93 -11.73 -10.38
C LEU A 63 18.68 -12.39 -10.93
N VAL A 64 17.49 -11.95 -10.48
CA VAL A 64 16.28 -12.62 -10.96
C VAL A 64 16.00 -12.30 -12.42
N ILE A 65 16.39 -11.11 -12.90
CA ILE A 65 16.21 -10.84 -14.33
C ILE A 65 17.04 -11.82 -15.14
N ALA A 66 18.27 -12.07 -14.73
CA ALA A 66 19.13 -13.03 -15.42
C ALA A 66 18.53 -14.43 -15.40
N LEU A 67 18.03 -14.87 -14.24
CA LEU A 67 17.42 -16.19 -14.13
C LEU A 67 16.22 -16.33 -15.07
N VAL A 68 15.36 -15.30 -15.11
CA VAL A 68 14.16 -15.38 -15.94
C VAL A 68 14.51 -15.33 -17.42
N LYS A 69 15.44 -14.46 -17.80
CA LYS A 69 15.91 -14.40 -19.18
C LYS A 69 16.43 -15.75 -19.63
N GLU A 70 17.24 -16.40 -18.78
CA GLU A 70 17.77 -17.72 -19.11
C GLU A 70 16.63 -18.73 -19.28
N ARG A 71 15.66 -18.67 -18.39
CA ARG A 71 14.60 -19.67 -18.36
C ARG A 71 13.66 -19.53 -19.56
N ILE A 72 13.24 -18.32 -19.88
CA ILE A 72 12.20 -18.19 -20.90
C ILE A 72 12.75 -18.28 -22.30
N ALA A 73 14.08 -18.30 -22.45
CA ALA A 73 14.71 -18.58 -23.72
C ALA A 73 14.62 -20.04 -24.11
N GLN A 74 14.15 -20.89 -23.20
CA GLN A 74 14.15 -22.31 -23.45
C GLN A 74 12.95 -22.71 -24.30
N GLU A 75 13.09 -23.83 -24.99
CA GLU A 75 12.12 -24.19 -26.01
C GLU A 75 10.74 -24.44 -25.44
N ASP A 76 10.65 -24.87 -24.18
CA ASP A 76 9.33 -25.17 -23.67
C ASP A 76 8.50 -23.92 -23.44
N CYS A 77 9.09 -22.72 -23.60
CA CYS A 77 8.36 -21.46 -23.47
C CYS A 77 7.91 -20.89 -24.81
N ARG A 78 8.20 -21.60 -25.91
CA ARG A 78 7.91 -21.06 -27.25
C ARG A 78 6.44 -20.71 -27.43
N ASN A 79 5.55 -21.42 -26.74
CA ASN A 79 4.12 -21.26 -26.90
C ASN A 79 3.50 -20.51 -25.73
N GLY A 80 4.31 -19.97 -24.85
CA GLY A 80 3.83 -19.19 -23.72
C GLY A 80 4.39 -19.71 -22.42
N PHE A 81 4.01 -19.04 -21.34
CA PHE A 81 4.54 -19.31 -20.02
C PHE A 81 3.72 -18.53 -19.02
N LEU A 82 3.86 -18.89 -17.75
CA LEU A 82 3.23 -18.20 -16.65
C LEU A 82 4.30 -17.76 -15.66
N LEU A 83 4.25 -16.49 -15.27
CA LEU A 83 5.17 -15.93 -14.29
C LEU A 83 4.49 -15.82 -12.93
N ALA A 84 5.11 -16.39 -11.91
CA ALA A 84 4.57 -16.39 -10.55
C ALA A 84 5.70 -16.03 -9.60
N GLY A 85 5.66 -14.80 -9.11
CA GLY A 85 6.70 -14.25 -8.26
C GLY A 85 7.64 -13.31 -8.96
N PHE A 86 7.48 -13.14 -10.26
CA PHE A 86 8.24 -12.22 -11.10
C PHE A 86 7.22 -11.62 -12.06
N PRO A 87 7.32 -10.34 -12.38
CA PRO A 87 8.21 -9.35 -11.78
C PRO A 87 7.77 -9.07 -10.35
N ARG A 88 8.71 -8.59 -9.55
CA ARG A 88 8.48 -8.28 -8.16
C ARG A 88 8.78 -6.83 -7.82
N THR A 89 9.33 -6.07 -8.75
CA THR A 89 9.63 -4.66 -8.59
C THR A 89 9.32 -3.99 -9.92
N ILE A 90 9.16 -2.66 -9.89
N ILE A 90 9.16 -2.67 -9.86
CA ILE A 90 8.91 -1.94 -11.13
CA ILE A 90 8.92 -1.92 -11.10
C ILE A 90 10.10 -2.07 -12.07
C ILE A 90 10.09 -2.08 -12.05
N PRO A 91 11.36 -1.97 -11.63
CA PRO A 91 12.46 -2.24 -12.58
C PRO A 91 12.40 -3.62 -13.24
N GLN A 92 11.96 -4.65 -12.51
CA GLN A 92 11.84 -5.96 -13.16
C GLN A 92 10.77 -5.94 -14.25
N ALA A 93 9.65 -5.25 -14.01
CA ALA A 93 8.63 -5.13 -15.05
C ALA A 93 9.14 -4.32 -16.23
N ASP A 94 9.83 -3.22 -15.96
CA ASP A 94 10.37 -2.40 -17.06
C ASP A 94 11.39 -3.20 -17.88
N ALA A 95 12.18 -4.05 -17.21
CA ALA A 95 13.14 -4.87 -17.94
C ALA A 95 12.42 -5.82 -18.90
N MET A 96 11.29 -6.39 -18.46
CA MET A 96 10.49 -7.21 -19.38
C MET A 96 10.03 -6.38 -20.56
N LYS A 97 9.47 -5.21 -20.29
CA LYS A 97 8.93 -4.38 -21.35
C LYS A 97 10.02 -4.03 -22.34
N GLU A 98 11.19 -3.65 -21.83
CA GLU A 98 12.28 -3.23 -22.69
C GLU A 98 12.81 -4.38 -23.53
N ALA A 99 12.67 -5.61 -23.03
CA ALA A 99 13.05 -6.80 -23.78
C ALA A 99 11.97 -7.26 -24.73
N GLY A 100 10.82 -6.58 -24.76
CA GLY A 100 9.75 -7.00 -25.65
C GLY A 100 8.97 -8.21 -25.18
N ILE A 101 8.91 -8.44 -23.87
CA ILE A 101 8.19 -9.59 -23.32
C ILE A 101 6.80 -9.08 -22.91
N ASN A 102 5.85 -9.15 -23.84
CA ASN A 102 4.46 -8.81 -23.59
C ASN A 102 3.72 -10.02 -23.05
N VAL A 103 2.62 -9.75 -22.34
CA VAL A 103 1.81 -10.82 -21.77
C VAL A 103 0.34 -10.60 -22.13
N ASP A 104 -0.40 -11.69 -22.08
CA ASP A 104 -1.79 -11.71 -22.50
C ASP A 104 -2.74 -11.42 -21.37
N TYR A 105 -2.42 -11.91 -20.18
CA TYR A 105 -3.28 -11.79 -19.00
C TYR A 105 -2.43 -11.46 -17.81
N VAL A 106 -2.91 -10.52 -17.01
CA VAL A 106 -2.39 -10.28 -15.69
C VAL A 106 -3.53 -10.52 -14.72
N LEU A 107 -3.33 -11.46 -13.81
CA LEU A 107 -4.38 -11.96 -12.92
C LEU A 107 -3.96 -11.64 -11.49
N GLU A 108 -4.71 -10.75 -10.84
CA GLU A 108 -4.41 -10.29 -9.50
C GLU A 108 -5.23 -11.07 -8.48
N PHE A 109 -4.56 -11.62 -7.48
CA PHE A 109 -5.22 -12.36 -6.42
C PHE A 109 -5.46 -11.42 -5.25
N ASP A 110 -6.72 -11.18 -4.94
CA ASP A 110 -7.07 -10.30 -3.82
C ASP A 110 -7.24 -11.17 -2.58
N VAL A 111 -6.37 -10.96 -1.60
CA VAL A 111 -6.37 -11.70 -0.34
C VAL A 111 -6.08 -10.74 0.81
N PRO A 112 -6.88 -10.72 1.88
CA PRO A 112 -6.56 -9.88 3.04
C PRO A 112 -5.24 -10.27 3.67
N ASP A 113 -4.47 -9.25 4.10
CA ASP A 113 -3.22 -9.47 4.80
C ASP A 113 -3.39 -10.43 5.97
N GLU A 114 -4.54 -10.36 6.66
CA GLU A 114 -4.73 -11.15 7.87
C GLU A 114 -4.74 -12.65 7.62
N LEU A 115 -4.90 -13.08 6.39
CA LEU A 115 -4.90 -14.51 6.08
C LEU A 115 -3.51 -15.07 5.80
N ILE A 116 -2.51 -14.21 5.59
N ILE A 116 -2.50 -14.22 5.61
CA ILE A 116 -1.26 -14.66 4.97
CA ILE A 116 -1.26 -14.66 4.97
C ILE A 116 -0.46 -15.55 5.92
C ILE A 116 -0.42 -15.53 5.90
N VAL A 117 -0.29 -15.14 7.18
CA VAL A 117 0.58 -15.89 8.08
C VAL A 117 0.10 -17.34 8.22
N ASP A 118 -1.19 -17.55 8.49
CA ASP A 118 -1.67 -18.91 8.71
C ASP A 118 -1.64 -19.73 7.43
N ARG A 119 -1.76 -19.07 6.29
CA ARG A 119 -1.52 -19.79 5.04
C ARG A 119 -0.07 -20.23 4.94
N ILE A 120 0.86 -19.31 5.18
CA ILE A 120 2.23 -19.69 4.87
C ILE A 120 2.79 -20.64 5.94
N VAL A 121 2.36 -20.55 7.20
CA VAL A 121 2.97 -21.47 8.18
C VAL A 121 2.54 -22.91 7.95
N GLY A 122 1.42 -23.14 7.28
CA GLY A 122 0.96 -24.47 6.95
C GLY A 122 1.37 -24.96 5.58
N ARG A 123 2.17 -24.16 4.87
CA ARG A 123 2.57 -24.49 3.51
C ARG A 123 3.60 -25.61 3.51
N ARG A 124 3.39 -26.58 2.63
CA ARG A 124 4.31 -27.69 2.45
C ARG A 124 4.57 -27.83 0.96
N VAL A 125 5.81 -28.15 0.59
CA VAL A 125 6.17 -28.14 -0.83
C VAL A 125 6.82 -29.44 -1.23
N HIS A 126 6.66 -29.77 -2.50
CA HIS A 126 7.42 -30.83 -3.16
C HIS A 126 8.54 -30.13 -3.92
N ALA A 127 9.71 -30.04 -3.30
CA ALA A 127 10.78 -29.21 -3.86
C ALA A 127 11.15 -29.56 -5.29
N PRO A 128 11.26 -30.84 -5.69
CA PRO A 128 11.70 -31.13 -7.06
C PRO A 128 10.79 -30.51 -8.13
N SER A 129 9.50 -30.38 -7.88
CA SER A 129 8.52 -29.92 -8.86
C SER A 129 7.98 -28.53 -8.59
N GLY A 130 8.04 -28.09 -7.36
CA GLY A 130 7.39 -26.85 -6.95
C GLY A 130 5.97 -26.99 -6.43
N ARG A 131 5.36 -28.16 -6.50
CA ARG A 131 3.95 -28.29 -6.11
C ARG A 131 3.77 -27.93 -4.64
N VAL A 132 2.66 -27.25 -4.34
CA VAL A 132 2.41 -26.64 -3.04
C VAL A 132 1.15 -27.22 -2.44
N TYR A 133 1.16 -27.39 -1.12
CA TYR A 133 0.04 -27.90 -0.35
C TYR A 133 -0.12 -27.07 0.93
N HIS A 134 -1.22 -27.29 1.65
CA HIS A 134 -1.41 -26.71 2.99
C HIS A 134 -1.97 -27.78 3.91
N VAL A 135 -1.38 -27.92 5.10
CA VAL A 135 -1.74 -29.04 5.97
C VAL A 135 -3.22 -29.01 6.34
N LYS A 136 -3.83 -27.83 6.43
CA LYS A 136 -5.25 -27.73 6.79
C LYS A 136 -6.15 -27.29 5.65
N PHE A 137 -5.71 -26.36 4.81
CA PHE A 137 -6.61 -25.75 3.83
C PHE A 137 -6.58 -26.44 2.48
N ASN A 138 -5.50 -27.16 2.14
CA ASN A 138 -5.40 -27.82 0.84
C ASN A 138 -4.43 -28.99 0.95
N PRO A 139 -4.80 -30.02 1.69
CA PRO A 139 -3.84 -31.06 2.05
C PRO A 139 -3.61 -32.02 0.91
N PRO A 140 -2.46 -32.66 0.92
CA PRO A 140 -2.24 -33.78 -0.01
C PRO A 140 -3.19 -34.93 0.32
N LYS A 141 -3.35 -35.82 -0.66
CA LYS A 141 -4.16 -37.02 -0.45
C LYS A 141 -3.65 -37.84 0.72
N VAL A 142 -2.32 -37.99 0.83
CA VAL A 142 -1.67 -38.71 1.91
C VAL A 142 -0.76 -37.71 2.64
N GLU A 143 -0.95 -37.61 3.97
CA GLU A 143 -0.25 -36.61 4.78
C GLU A 143 1.26 -36.64 4.54
N GLY A 144 1.83 -35.46 4.31
CA GLY A 144 3.26 -35.31 4.08
C GLY A 144 3.80 -35.89 2.78
N LYS A 145 2.96 -36.25 1.82
CA LYS A 145 3.39 -36.85 0.57
C LYS A 145 2.85 -36.08 -0.63
N ASP A 146 3.70 -35.90 -1.63
CA ASP A 146 3.30 -35.33 -2.91
C ASP A 146 2.28 -36.23 -3.62
N ASP A 147 1.22 -35.60 -4.14
CA ASP A 147 0.17 -36.36 -4.83
C ASP A 147 0.67 -37.03 -6.11
N VAL A 148 1.62 -36.41 -6.81
CA VAL A 148 2.02 -36.85 -8.15
C VAL A 148 3.10 -37.92 -8.09
N THR A 149 4.07 -37.77 -7.18
CA THR A 149 5.17 -38.72 -7.07
C THR A 149 5.11 -39.55 -5.79
N GLY A 150 4.39 -39.11 -4.77
CA GLY A 150 4.40 -39.76 -3.49
C GLY A 150 5.57 -39.40 -2.60
N GLU A 151 6.46 -38.53 -3.08
CA GLU A 151 7.68 -38.20 -2.37
C GLU A 151 7.37 -37.27 -1.19
N GLU A 152 8.28 -37.26 -0.23
CA GLU A 152 8.08 -36.50 0.99
C GLU A 152 8.03 -35.01 0.71
N LEU A 153 7.02 -34.35 1.29
CA LEU A 153 6.96 -32.90 1.27
C LEU A 153 7.91 -32.33 2.32
N THR A 154 8.26 -31.05 2.13
CA THR A 154 9.11 -30.34 3.07
C THR A 154 8.51 -28.98 3.36
N THR A 155 9.08 -28.32 4.35
CA THR A 155 8.73 -26.96 4.72
C THR A 155 9.86 -26.04 4.30
N ARG A 156 9.51 -24.96 3.59
CA ARG A 156 10.49 -23.98 3.17
C ARG A 156 11.15 -23.34 4.37
N LYS A 157 12.46 -23.09 4.26
CA LYS A 157 13.20 -22.50 5.36
C LYS A 157 12.69 -21.09 5.68
N ASP A 158 12.12 -20.38 4.71
CA ASP A 158 11.66 -19.02 4.92
C ASP A 158 10.17 -18.91 5.25
N ASP A 159 9.48 -20.02 5.54
CA ASP A 159 8.04 -19.96 5.85
C ASP A 159 7.80 -20.01 7.37
N GLN A 160 8.40 -19.09 8.10
CA GLN A 160 8.12 -18.84 9.51
C GLN A 160 7.38 -17.51 9.62
N GLU A 161 6.58 -17.36 10.68
CA GLU A 161 5.70 -16.20 10.80
C GLU A 161 6.48 -14.90 10.68
N GLU A 162 7.59 -14.79 11.40
CA GLU A 162 8.31 -13.52 11.38
C GLU A 162 8.91 -13.24 10.00
N THR A 163 9.38 -14.27 9.31
CA THR A 163 9.89 -14.03 7.97
C THR A 163 8.78 -13.65 7.00
N VAL A 164 7.58 -14.20 7.18
CA VAL A 164 6.44 -13.86 6.36
C VAL A 164 6.08 -12.38 6.53
N ARG A 165 6.04 -11.91 7.78
N ARG A 165 6.09 -11.91 7.77
CA ARG A 165 5.77 -10.51 8.01
CA ARG A 165 5.75 -10.51 8.01
C ARG A 165 6.75 -9.64 7.25
C ARG A 165 6.77 -9.57 7.37
N LYS A 166 8.04 -9.98 7.34
CA LYS A 166 9.05 -9.20 6.61
C LYS A 166 8.77 -9.23 5.11
N ARG A 167 8.42 -10.40 4.55
CA ARG A 167 8.11 -10.48 3.13
C ARG A 167 6.89 -9.62 2.78
N LEU A 168 5.92 -9.53 3.70
CA LEU A 168 4.72 -8.76 3.43
C LEU A 168 5.03 -7.26 3.39
N VAL A 169 5.94 -6.81 4.27
CA VAL A 169 6.41 -5.43 4.23
C VAL A 169 7.11 -5.15 2.92
N GLU A 170 8.01 -6.04 2.48
CA GLU A 170 8.66 -5.88 1.16
C GLU A 170 7.60 -5.81 0.06
N TYR A 171 6.62 -6.69 0.12
CA TYR A 171 5.56 -6.71 -0.90
C TYR A 171 4.88 -5.35 -0.98
N HIS A 172 4.45 -4.83 0.16
CA HIS A 172 3.69 -3.59 0.12
C HIS A 172 4.51 -2.44 -0.44
N GLN A 173 5.80 -2.41 -0.13
CA GLN A 173 6.64 -1.28 -0.54
C GLN A 173 7.10 -1.42 -1.99
N MET A 174 7.49 -2.62 -2.42
CA MET A 174 8.17 -2.82 -3.69
C MET A 174 7.30 -3.43 -4.77
N THR A 175 6.35 -4.28 -4.39
CA THR A 175 5.66 -5.15 -5.35
C THR A 175 4.21 -4.75 -5.60
N ALA A 176 3.49 -4.27 -4.59
CA ALA A 176 2.13 -3.82 -4.82
C ALA A 176 2.04 -2.78 -5.93
N PRO A 177 3.03 -1.92 -6.17
CA PRO A 177 2.87 -0.96 -7.27
C PRO A 177 2.70 -1.63 -8.64
N LEU A 178 3.01 -2.93 -8.77
CA LEU A 178 2.82 -3.58 -10.06
C LEU A 178 1.34 -3.76 -10.41
N ILE A 179 0.44 -3.69 -9.43
CA ILE A 179 -0.98 -3.73 -9.76
C ILE A 179 -1.34 -2.56 -10.65
N GLY A 180 -1.02 -1.34 -10.20
CA GLY A 180 -1.22 -0.18 -11.02
C GLY A 180 -0.46 -0.24 -12.33
N TYR A 181 0.78 -0.75 -12.29
CA TYR A 181 1.61 -0.86 -13.49
C TYR A 181 0.89 -1.64 -14.58
N TYR A 182 0.36 -2.81 -14.21
CA TYR A 182 -0.28 -3.63 -15.23
C TYR A 182 -1.71 -3.21 -15.48
N SER A 183 -2.37 -2.55 -14.52
N SER A 183 -2.37 -2.57 -14.51
CA SER A 183 -3.66 -1.95 -14.83
CA SER A 183 -3.66 -1.98 -14.79
C SER A 183 -3.51 -0.90 -15.92
C SER A 183 -3.52 -0.91 -15.87
N LYS A 184 -2.48 -0.07 -15.81
N LYS A 184 -2.48 -0.08 -15.76
CA LYS A 184 -2.19 0.92 -16.84
CA LYS A 184 -2.16 0.90 -16.79
C LYS A 184 -1.84 0.26 -18.17
C LYS A 184 -1.90 0.21 -18.13
N GLU A 185 -1.09 -0.85 -18.13
CA GLU A 185 -0.76 -1.52 -19.39
C GLU A 185 -2.01 -2.02 -20.08
N ALA A 186 -2.95 -2.53 -19.28
CA ALA A 186 -4.21 -3.08 -19.81
C ALA A 186 -5.05 -2.00 -20.42
N GLU A 187 -5.07 -0.83 -19.79
CA GLU A 187 -5.79 0.31 -20.34
C GLU A 187 -5.19 0.77 -21.66
N ALA A 188 -3.90 0.55 -21.87
CA ALA A 188 -3.30 0.86 -23.17
C ALA A 188 -3.58 -0.22 -24.21
N GLY A 189 -4.16 -1.34 -23.81
CA GLY A 189 -4.41 -2.43 -24.74
C GLY A 189 -3.31 -3.44 -24.85
N ASN A 190 -2.33 -3.41 -23.94
CA ASN A 190 -1.17 -4.30 -24.00
C ASN A 190 -1.36 -5.62 -23.27
N THR A 191 -2.48 -5.79 -22.58
CA THR A 191 -2.75 -7.01 -21.84
C THR A 191 -4.18 -6.92 -21.34
N LYS A 192 -4.70 -8.06 -20.95
CA LYS A 192 -5.98 -8.12 -20.27
C LYS A 192 -5.69 -8.25 -18.77
N TYR A 193 -6.50 -7.59 -17.97
CA TYR A 193 -6.32 -7.55 -16.52
C TYR A 193 -7.59 -8.06 -15.85
N ALA A 194 -7.43 -8.91 -14.84
CA ALA A 194 -8.57 -9.33 -14.06
C ALA A 194 -8.14 -9.55 -12.62
N LYS A 195 -9.05 -9.24 -11.70
CA LYS A 195 -8.86 -9.40 -10.27
C LYS A 195 -9.76 -10.54 -9.80
N VAL A 196 -9.20 -11.44 -8.99
CA VAL A 196 -9.97 -12.58 -8.50
C VAL A 196 -9.94 -12.59 -6.98
N ASP A 197 -11.02 -13.10 -6.41
CA ASP A 197 -11.14 -13.21 -4.95
C ASP A 197 -10.37 -14.45 -4.54
N GLY A 198 -9.17 -14.26 -4.00
CA GLY A 198 -8.32 -15.37 -3.61
C GLY A 198 -8.67 -16.02 -2.29
N THR A 199 -9.77 -15.61 -1.66
CA THR A 199 -10.19 -16.25 -0.43
C THR A 199 -11.16 -17.38 -0.68
N LYS A 200 -11.63 -17.55 -1.91
CA LYS A 200 -12.51 -18.67 -2.16
C LYS A 200 -11.71 -19.96 -2.04
N PRO A 201 -12.37 -21.09 -1.84
CA PRO A 201 -11.65 -22.37 -1.84
C PRO A 201 -10.84 -22.57 -3.11
N VAL A 202 -9.77 -23.35 -2.99
CA VAL A 202 -8.85 -23.57 -4.11
C VAL A 202 -9.61 -23.94 -5.38
N ALA A 203 -10.56 -24.87 -5.27
CA ALA A 203 -11.29 -25.34 -6.45
C ALA A 203 -12.11 -24.23 -7.07
N GLU A 204 -12.58 -23.28 -6.27
CA GLU A 204 -13.43 -22.24 -6.84
C GLU A 204 -12.60 -21.15 -7.51
N VAL A 205 -11.47 -20.81 -6.90
CA VAL A 205 -10.51 -19.93 -7.57
C VAL A 205 -10.11 -20.54 -8.91
N ARG A 206 -9.82 -21.85 -8.91
CA ARG A 206 -9.46 -22.51 -10.15
C ARG A 206 -10.56 -22.34 -11.19
N ALA A 207 -11.81 -22.61 -10.81
CA ALA A 207 -12.92 -22.43 -11.73
C ALA A 207 -13.03 -20.98 -12.21
N ASP A 208 -12.83 -20.03 -11.30
CA ASP A 208 -12.88 -18.62 -11.70
C ASP A 208 -11.81 -18.32 -12.73
N LEU A 209 -10.60 -18.86 -12.53
CA LEU A 209 -9.55 -18.61 -13.52
C LEU A 209 -9.86 -19.28 -14.86
N GLU A 210 -10.42 -20.49 -14.84
CA GLU A 210 -10.77 -21.15 -16.11
C GLU A 210 -11.77 -20.32 -16.91
N LYS A 211 -12.72 -19.67 -16.24
CA LYS A 211 -13.67 -18.81 -16.94
C LYS A 211 -12.95 -17.72 -17.72
N ILE A 212 -11.91 -17.15 -17.13
CA ILE A 212 -11.19 -16.05 -17.75
C ILE A 212 -10.29 -16.55 -18.88
N LEU A 213 -9.56 -17.62 -18.64
CA LEU A 213 -8.56 -18.07 -19.60
C LEU A 213 -9.17 -18.86 -20.75
N GLY A 214 -10.29 -19.54 -20.54
CA GLY A 214 -10.98 -20.23 -21.61
C GLY A 214 -10.87 -21.76 -21.62
N MET B 1 1.15 7.66 21.92
CA MET B 1 1.57 9.00 21.43
C MET B 1 0.46 9.64 20.62
N ARG B 2 0.14 10.87 20.98
CA ARG B 2 -0.85 11.69 20.30
C ARG B 2 -0.14 12.92 19.71
N ILE B 3 -0.42 13.18 18.43
CA ILE B 3 0.23 14.27 17.71
C ILE B 3 -0.84 15.11 17.02
N ILE B 4 -0.65 16.43 17.03
CA ILE B 4 -1.32 17.35 16.13
C ILE B 4 -0.33 17.89 15.11
N LEU B 5 -0.70 17.86 13.83
CA LEU B 5 0.02 18.57 12.78
C LEU B 5 -0.68 19.88 12.48
N LEU B 6 0.04 20.99 12.58
CA LEU B 6 -0.49 22.31 12.28
C LEU B 6 0.10 22.81 10.97
N GLY B 7 -0.69 23.52 10.20
CA GLY B 7 -0.14 24.18 9.04
C GLY B 7 -1.20 24.54 8.03
N ALA B 8 -0.82 25.46 7.15
CA ALA B 8 -1.72 25.90 6.10
C ALA B 8 -2.16 24.74 5.22
N PRO B 9 -3.33 24.85 4.59
CA PRO B 9 -3.66 23.89 3.52
C PRO B 9 -2.49 23.76 2.57
N GLY B 10 -2.16 22.52 2.20
CA GLY B 10 -1.06 22.26 1.28
C GLY B 10 0.31 22.20 1.92
N ALA B 11 0.41 22.41 3.24
CA ALA B 11 1.71 22.47 3.89
C ALA B 11 2.42 21.12 3.90
N GLY B 12 1.68 20.01 3.76
CA GLY B 12 2.29 18.68 3.75
C GLY B 12 1.82 17.77 4.88
N LYS B 13 0.73 18.14 5.56
CA LYS B 13 0.29 17.40 6.74
C LYS B 13 -0.14 15.97 6.40
N GLY B 14 -1.04 15.80 5.42
CA GLY B 14 -1.50 14.46 5.10
C GLY B 14 -0.35 13.57 4.66
N THR B 15 0.59 14.15 3.92
CA THR B 15 1.75 13.41 3.43
C THR B 15 2.59 12.88 4.57
N GLN B 16 2.97 13.75 5.51
CA GLN B 16 3.81 13.32 6.62
C GLN B 16 3.03 12.46 7.60
N ALA B 17 1.71 12.64 7.68
CA ALA B 17 0.88 11.79 8.52
C ALA B 17 1.05 10.34 8.13
N GLN B 18 1.14 10.07 6.83
N GLN B 18 1.12 10.05 6.84
CA GLN B 18 1.25 8.70 6.36
CA GLN B 18 1.25 8.67 6.40
C GLN B 18 2.52 8.03 6.90
C GLN B 18 2.51 8.04 6.96
N PHE B 19 3.63 8.78 6.92
CA PHE B 19 4.89 8.25 7.41
C PHE B 19 4.86 8.02 8.91
N ILE B 20 4.26 8.95 9.67
CA ILE B 20 4.17 8.78 11.11
C ILE B 20 3.28 7.58 11.44
N MET B 21 2.20 7.40 10.68
CA MET B 21 1.33 6.24 10.90
C MET B 21 2.11 4.95 10.70
N GLU B 22 2.93 4.89 9.66
CA GLU B 22 3.68 3.67 9.34
C GLU B 22 4.77 3.39 10.36
N LYS B 23 5.50 4.43 10.78
CA LYS B 23 6.66 4.19 11.63
C LYS B 23 6.25 3.98 13.07
N TYR B 24 5.28 4.75 13.55
CA TYR B 24 4.91 4.70 14.96
C TYR B 24 3.62 3.92 15.21
N GLY B 25 2.93 3.50 14.16
CA GLY B 25 1.81 2.61 14.35
C GLY B 25 0.60 3.24 14.98
N ILE B 26 0.40 4.53 14.81
CA ILE B 26 -0.80 5.23 15.29
C ILE B 26 -1.62 5.71 14.10
N PRO B 27 -2.93 5.70 14.19
CA PRO B 27 -3.76 6.06 13.03
C PRO B 27 -3.78 7.55 12.76
N GLN B 28 -3.86 7.85 11.48
CA GLN B 28 -4.13 9.21 11.00
C GLN B 28 -5.61 9.52 11.10
N ILE B 29 -5.93 10.64 11.76
CA ILE B 29 -7.29 11.13 11.92
C ILE B 29 -7.34 12.44 11.12
N SER B 30 -7.90 12.38 9.91
N SER B 30 -7.89 12.35 9.90
CA SER B 30 -7.94 13.52 8.99
CA SER B 30 -7.99 13.47 8.99
C SER B 30 -9.40 13.91 8.75
C SER B 30 -9.46 13.86 8.85
N THR B 31 -9.81 15.07 9.29
CA THR B 31 -11.20 15.46 9.19
C THR B 31 -11.63 15.71 7.76
N GLY B 32 -10.73 16.24 6.92
CA GLY B 32 -11.07 16.36 5.52
C GLY B 32 -11.42 15.03 4.91
N ASP B 33 -10.57 14.02 5.11
CA ASP B 33 -10.86 12.69 4.58
C ASP B 33 -12.20 12.18 5.12
N MET B 34 -12.43 12.33 6.42
N MET B 34 -12.44 12.36 6.42
CA MET B 34 -13.67 11.84 7.01
CA MET B 34 -13.64 11.85 7.05
C MET B 34 -14.87 12.55 6.42
C MET B 34 -14.89 12.57 6.56
N LEU B 35 -14.77 13.86 6.24
CA LEU B 35 -15.92 14.62 5.71
C LEU B 35 -16.18 14.25 4.26
N ARG B 36 -15.13 14.11 3.46
CA ARG B 36 -15.33 13.74 2.07
C ARG B 36 -15.94 12.35 1.98
N ALA B 37 -15.53 11.45 2.89
CA ALA B 37 -16.09 10.11 2.91
C ALA B 37 -17.56 10.14 3.29
N ALA B 38 -17.93 11.03 4.22
CA ALA B 38 -19.33 11.11 4.62
C ALA B 38 -20.19 11.65 3.48
N VAL B 39 -19.68 12.65 2.75
CA VAL B 39 -20.37 13.14 1.57
C VAL B 39 -20.52 12.02 0.53
N LYS B 40 -19.45 11.24 0.29
CA LYS B 40 -19.53 10.19 -0.72
C LYS B 40 -20.57 9.12 -0.36
N SER B 41 -20.62 8.73 0.91
CA SER B 41 -21.52 7.66 1.34
C SER B 41 -22.90 8.16 1.75
N GLY B 42 -23.10 9.47 1.85
CA GLY B 42 -24.36 10.00 2.30
C GLY B 42 -24.62 9.79 3.77
N SER B 43 -23.56 9.68 4.57
CA SER B 43 -23.67 9.43 5.99
C SER B 43 -24.27 10.63 6.71
N GLU B 44 -25.20 10.36 7.62
CA GLU B 44 -25.92 11.44 8.30
C GLU B 44 -24.97 12.38 9.04
N LEU B 45 -23.88 11.86 9.59
CA LEU B 45 -22.88 12.67 10.28
C LEU B 45 -21.78 13.05 9.28
N GLY B 46 -21.97 14.18 8.61
CA GLY B 46 -20.91 14.74 7.80
C GLY B 46 -21.29 15.08 6.38
N LYS B 47 -22.40 14.51 5.89
CA LYS B 47 -22.80 14.78 4.50
C LYS B 47 -23.12 16.26 4.29
N GLN B 48 -23.48 16.97 5.37
CA GLN B 48 -23.75 18.39 5.33
C GLN B 48 -22.57 19.22 4.84
N ALA B 49 -21.37 18.64 4.83
CA ALA B 49 -20.16 19.39 4.48
C ALA B 49 -20.03 19.70 3.00
N LYS B 50 -20.84 19.08 2.15
CA LYS B 50 -20.60 19.12 0.70
C LYS B 50 -20.46 20.54 0.19
N ASP B 51 -21.52 21.35 0.34
CA ASP B 51 -21.52 22.69 -0.23
C ASP B 51 -20.54 23.61 0.48
N ILE B 52 -20.29 23.34 1.76
CA ILE B 52 -19.34 24.16 2.52
C ILE B 52 -17.92 23.97 1.98
N MET B 53 -17.50 22.71 1.83
CA MET B 53 -16.14 22.43 1.32
C MET B 53 -15.96 22.97 -0.09
N ASP B 54 -17.00 22.89 -0.91
CA ASP B 54 -16.96 23.41 -2.27
C ASP B 54 -16.74 24.91 -2.28
N ALA B 55 -17.24 25.60 -1.27
CA ALA B 55 -17.06 27.03 -1.15
C ALA B 55 -15.72 27.40 -0.52
N GLY B 56 -14.92 26.41 -0.11
CA GLY B 56 -13.66 26.69 0.52
C GLY B 56 -13.71 27.10 1.97
N LYS B 57 -14.87 26.96 2.63
CA LYS B 57 -15.10 27.43 3.98
C LYS B 57 -14.99 26.28 4.98
N LEU B 58 -14.80 26.63 6.25
CA LEU B 58 -14.72 25.62 7.31
C LEU B 58 -16.11 25.12 7.69
N VAL B 59 -16.22 23.80 7.87
CA VAL B 59 -17.44 23.19 8.35
C VAL B 59 -17.66 23.57 9.82
N THR B 60 -18.93 23.53 10.26
N THR B 60 -18.92 23.55 10.25
CA THR B 60 -19.23 23.97 11.61
CA THR B 60 -19.22 24.00 11.60
C THR B 60 -18.47 23.15 12.63
C THR B 60 -18.47 23.16 12.62
N ASP B 61 -17.98 23.82 13.68
CA ASP B 61 -17.17 23.17 14.69
C ASP B 61 -17.84 21.92 15.25
N GLU B 62 -19.13 22.04 15.61
CA GLU B 62 -19.78 20.92 16.29
C GLU B 62 -19.85 19.70 15.39
N LEU B 63 -19.98 19.88 14.07
CA LEU B 63 -20.04 18.70 13.20
C LEU B 63 -18.72 17.94 13.24
N VAL B 64 -17.61 18.66 13.09
N VAL B 64 -17.59 18.64 13.06
CA VAL B 64 -16.31 18.02 13.02
CA VAL B 64 -16.31 17.94 13.01
C VAL B 64 -15.92 17.45 14.38
C VAL B 64 -15.91 17.44 14.38
N ILE B 65 -16.27 18.16 15.45
CA ILE B 65 -15.99 17.66 16.79
C ILE B 65 -16.67 16.32 16.98
N ALA B 66 -17.93 16.22 16.56
CA ALA B 66 -18.66 14.96 16.69
C ALA B 66 -18.00 13.86 15.88
N LEU B 67 -17.57 14.18 14.66
CA LEU B 67 -16.92 13.18 13.81
C LEU B 67 -15.63 12.70 14.47
N VAL B 68 -14.88 13.62 15.08
CA VAL B 68 -13.63 13.23 15.71
C VAL B 68 -13.88 12.39 16.97
N LYS B 69 -14.83 12.81 17.81
CA LYS B 69 -15.15 12.01 18.99
C LYS B 69 -15.57 10.60 18.61
N GLU B 70 -16.38 10.47 17.57
CA GLU B 70 -16.79 9.15 17.11
C GLU B 70 -15.56 8.33 16.68
N ARG B 71 -14.62 8.98 16.01
CA ARG B 71 -13.49 8.28 15.42
C ARG B 71 -12.51 7.82 16.49
N ILE B 72 -12.16 8.70 17.45
CA ILE B 72 -11.11 8.36 18.39
C ILE B 72 -11.61 7.48 19.52
N ALA B 73 -12.92 7.19 19.56
CA ALA B 73 -13.45 6.18 20.47
C ALA B 73 -13.21 4.78 19.96
N GLN B 74 -12.79 4.63 18.71
CA GLN B 74 -12.56 3.31 18.14
C GLN B 74 -11.32 2.68 18.75
N GLU B 75 -11.25 1.35 18.72
CA GLU B 75 -10.19 0.52 19.34
C GLU B 75 -8.83 0.92 18.81
N ASP B 76 -8.72 1.30 17.57
CA ASP B 76 -7.38 1.52 17.04
C ASP B 76 -6.75 2.81 17.57
N CYS B 77 -7.50 3.64 18.29
CA CYS B 77 -6.99 4.91 18.81
C CYS B 77 -6.68 4.84 20.31
N ARG B 78 -6.81 3.68 20.95
CA ARG B 78 -6.65 3.65 22.40
C ARG B 78 -5.22 3.97 22.83
N ASN B 79 -4.24 3.76 21.95
CA ASN B 79 -2.83 3.97 22.29
C ASN B 79 -2.22 5.18 21.59
N GLY B 80 -3.05 6.05 21.02
CA GLY B 80 -2.56 7.24 20.37
C GLY B 80 -3.08 7.36 18.96
N PHE B 81 -2.86 8.55 18.40
CA PHE B 81 -3.36 8.89 17.08
C PHE B 81 -2.73 10.22 16.66
N LEU B 82 -2.88 10.54 15.40
CA LEU B 82 -2.38 11.76 14.81
C LEU B 82 -3.56 12.54 14.23
N LEU B 83 -3.65 13.82 14.57
CA LEU B 83 -4.69 14.69 14.07
C LEU B 83 -4.13 15.57 12.98
N ALA B 84 -4.69 15.48 11.78
CA ALA B 84 -4.20 16.23 10.62
C ALA B 84 -5.38 16.97 10.00
N GLY B 85 -5.42 18.29 10.18
CA GLY B 85 -6.55 19.04 9.72
C GLY B 85 -7.55 19.34 10.80
N PHE B 86 -7.31 18.88 12.03
CA PHE B 86 -8.10 19.10 13.22
C PHE B 86 -7.12 19.25 14.37
N PRO B 87 -7.35 20.20 15.31
CA PRO B 87 -8.40 21.22 15.26
C PRO B 87 -8.11 22.29 14.21
N ARG B 88 -9.15 22.99 13.73
CA ARG B 88 -9.02 24.09 12.78
C ARG B 88 -9.42 25.43 13.35
N THR B 89 -9.97 25.45 14.56
CA THR B 89 -10.40 26.68 15.22
C THR B 89 -10.11 26.52 16.71
N ILE B 90 -10.16 27.63 17.44
N ILE B 90 -10.07 27.66 17.40
CA ILE B 90 -9.89 27.57 18.86
CA ILE B 90 -9.91 27.63 18.85
C ILE B 90 -11.03 26.83 19.57
C ILE B 90 -11.01 26.81 19.51
N PRO B 91 -12.30 27.01 19.19
CA PRO B 91 -13.35 26.18 19.82
C PRO B 91 -13.13 24.69 19.61
N GLN B 92 -12.60 24.26 18.46
CA GLN B 92 -12.27 22.85 18.30
C GLN B 92 -11.14 22.44 19.23
N ALA B 93 -10.11 23.29 19.38
CA ALA B 93 -9.04 22.97 20.32
C ALA B 93 -9.55 22.88 21.75
N ASP B 94 -10.40 23.83 22.16
CA ASP B 94 -10.97 23.77 23.50
C ASP B 94 -11.83 22.52 23.69
N ALA B 95 -12.59 22.12 22.68
CA ALA B 95 -13.40 20.91 22.80
C ALA B 95 -12.53 19.69 23.05
N MET B 96 -11.38 19.62 22.39
CA MET B 96 -10.42 18.57 22.69
C MET B 96 -10.03 18.58 24.15
N LYS B 97 -9.60 19.74 24.65
CA LYS B 97 -9.15 19.84 26.03
C LYS B 97 -10.24 19.34 26.96
N GLU B 98 -11.47 19.83 26.77
CA GLU B 98 -12.56 19.47 27.67
C GLU B 98 -12.89 17.98 27.60
N ALA B 99 -12.80 17.39 26.41
CA ALA B 99 -13.01 15.96 26.28
C ALA B 99 -11.79 15.14 26.68
N GLY B 100 -10.79 15.77 27.29
CA GLY B 100 -9.63 15.04 27.76
C GLY B 100 -8.77 14.46 26.65
N ILE B 101 -8.63 15.19 25.54
CA ILE B 101 -7.69 14.80 24.50
C ILE B 101 -6.51 15.75 24.58
N ASN B 102 -5.58 15.47 25.47
CA ASN B 102 -4.30 16.14 25.41
C ASN B 102 -3.46 15.47 24.34
N VAL B 103 -2.38 16.13 23.94
CA VAL B 103 -1.50 15.60 22.92
C VAL B 103 -0.06 15.73 23.41
N ASP B 104 0.80 14.86 22.89
CA ASP B 104 2.20 14.80 23.29
C ASP B 104 3.07 15.74 22.47
N TYR B 105 2.75 15.87 21.19
CA TYR B 105 3.52 16.74 20.31
C TYR B 105 2.58 17.55 19.42
N VAL B 106 2.87 18.84 19.30
CA VAL B 106 2.31 19.70 18.26
C VAL B 106 3.45 20.06 17.32
N LEU B 107 3.27 19.76 16.04
CA LEU B 107 4.28 19.97 15.01
C LEU B 107 3.72 20.91 13.95
N GLU B 108 4.34 22.08 13.83
CA GLU B 108 3.90 23.13 12.91
C GLU B 108 4.69 23.04 11.61
N PHE B 109 4.00 22.84 10.49
CA PHE B 109 4.62 22.83 9.17
C PHE B 109 4.53 24.24 8.60
N ASP B 110 5.67 24.91 8.47
CA ASP B 110 5.65 26.26 7.96
C ASP B 110 5.97 26.28 6.47
N VAL B 111 5.04 26.80 5.70
CA VAL B 111 5.13 26.94 4.24
C VAL B 111 4.58 28.31 3.87
N PRO B 112 5.32 29.11 3.09
CA PRO B 112 4.77 30.40 2.67
C PRO B 112 3.52 30.24 1.80
N ASP B 113 2.57 31.18 1.97
CA ASP B 113 1.35 31.17 1.16
C ASP B 113 1.64 31.04 -0.32
N GLU B 114 2.74 31.62 -0.78
CA GLU B 114 2.99 31.68 -2.21
C GLU B 114 3.28 30.32 -2.82
N LEU B 115 3.56 29.31 -2.01
CA LEU B 115 3.83 27.99 -2.55
C LEU B 115 2.59 27.10 -2.60
N ILE B 116 1.48 27.55 -2.01
CA ILE B 116 0.38 26.66 -1.69
C ILE B 116 -0.41 26.28 -2.93
N VAL B 117 -0.67 27.23 -3.84
CA VAL B 117 -1.53 26.92 -4.99
C VAL B 117 -0.91 25.83 -5.86
N ASP B 118 0.39 25.92 -6.15
CA ASP B 118 1.01 24.90 -6.99
C ASP B 118 0.95 23.51 -6.34
N ARG B 119 1.04 23.46 -5.01
CA ARG B 119 0.93 22.19 -4.33
C ARG B 119 -0.48 21.62 -4.47
N ILE B 120 -1.49 22.44 -4.26
CA ILE B 120 -2.84 21.89 -4.20
C ILE B 120 -3.35 21.52 -5.60
N VAL B 121 -3.05 22.32 -6.63
CA VAL B 121 -3.59 21.98 -7.95
C VAL B 121 -2.97 20.72 -8.51
N GLY B 122 -1.79 20.35 -8.05
CA GLY B 122 -1.16 19.10 -8.45
C GLY B 122 -1.49 17.91 -7.56
N ARG B 123 -2.28 18.11 -6.52
CA ARG B 123 -2.58 17.04 -5.58
C ARG B 123 -3.53 16.02 -6.18
N ARG B 124 -3.20 14.75 -5.98
CA ARG B 124 -4.03 13.61 -6.38
C ARG B 124 -4.16 12.70 -5.18
N VAL B 125 -5.33 12.09 -5.01
CA VAL B 125 -5.59 11.29 -3.84
C VAL B 125 -6.16 9.94 -4.22
N HIS B 126 -5.96 9.00 -3.31
CA HIS B 126 -6.63 7.71 -3.33
C HIS B 126 -7.68 7.75 -2.21
N ALA B 127 -8.93 8.07 -2.56
CA ALA B 127 -9.91 8.36 -1.52
C ALA B 127 -10.18 7.18 -0.59
N PRO B 128 -10.17 5.93 -1.04
CA PRO B 128 -10.42 4.84 -0.10
C PRO B 128 -9.44 4.80 1.05
N SER B 129 -8.16 5.16 0.83
CA SER B 129 -7.15 5.08 1.87
C SER B 129 -6.75 6.43 2.44
N GLY B 130 -7.00 7.52 1.73
CA GLY B 130 -6.44 8.80 2.06
C GLY B 130 -5.05 9.08 1.51
N ARG B 131 -4.39 8.12 0.89
CA ARG B 131 -3.03 8.38 0.42
C ARG B 131 -3.01 9.57 -0.54
N VAL B 132 -1.96 10.39 -0.43
CA VAL B 132 -1.84 11.66 -1.13
C VAL B 132 -0.58 11.66 -1.99
N TYR B 133 -0.70 12.21 -3.20
CA TYR B 133 0.38 12.29 -4.17
C TYR B 133 0.41 13.67 -4.79
N HIS B 134 1.49 13.96 -5.52
CA HIS B 134 1.55 15.21 -6.28
C HIS B 134 2.15 14.88 -7.64
N VAL B 135 1.49 15.31 -8.72
CA VAL B 135 1.87 14.89 -10.06
C VAL B 135 3.32 15.23 -10.36
N LYS B 136 3.84 16.30 -9.76
CA LYS B 136 5.19 16.79 -9.99
C LYS B 136 6.12 16.52 -8.81
N PHE B 137 5.72 16.89 -7.58
CA PHE B 137 6.60 16.93 -6.43
C PHE B 137 6.70 15.62 -5.65
N ASN B 138 5.76 14.70 -5.83
CA ASN B 138 5.75 13.47 -5.04
C ASN B 138 4.87 12.46 -5.77
N PRO B 139 5.27 12.07 -6.97
CA PRO B 139 4.38 11.37 -7.86
C PRO B 139 4.16 9.94 -7.42
N PRO B 140 3.09 9.31 -7.88
CA PRO B 140 2.96 7.88 -7.67
C PRO B 140 3.99 7.14 -8.49
N LYS B 141 4.25 5.90 -8.08
CA LYS B 141 5.25 5.09 -8.77
C LYS B 141 4.82 4.79 -10.19
N VAL B 142 3.52 4.70 -10.42
CA VAL B 142 2.93 4.54 -11.73
C VAL B 142 1.97 5.72 -11.94
N GLU B 143 2.16 6.45 -13.04
CA GLU B 143 1.41 7.67 -13.32
C GLU B 143 -0.08 7.45 -13.16
N GLY B 144 -0.72 8.25 -12.32
CA GLY B 144 -2.14 8.23 -12.16
C GLY B 144 -2.71 7.12 -11.29
N LYS B 145 -1.86 6.28 -10.70
CA LYS B 145 -2.30 5.07 -10.01
C LYS B 145 -1.83 5.05 -8.55
N ASP B 146 -2.71 4.59 -7.67
CA ASP B 146 -2.32 4.39 -6.28
C ASP B 146 -1.26 3.30 -6.18
N ASP B 147 -0.23 3.55 -5.34
CA ASP B 147 0.91 2.65 -5.20
C ASP B 147 0.51 1.29 -4.64
N VAL B 148 -0.55 1.22 -3.84
CA VAL B 148 -0.92 0.01 -3.10
C VAL B 148 -1.99 -0.80 -3.84
N THR B 149 -3.03 -0.12 -4.33
CA THR B 149 -4.17 -0.79 -4.92
C THR B 149 -4.20 -0.69 -6.44
N GLY B 150 -3.35 0.15 -7.03
CA GLY B 150 -3.38 0.37 -8.46
C GLY B 150 -4.59 1.10 -8.98
N GLU B 151 -5.42 1.63 -8.09
CA GLU B 151 -6.64 2.29 -8.51
C GLU B 151 -6.33 3.70 -9.03
N GLU B 152 -7.13 4.13 -10.01
CA GLU B 152 -6.94 5.45 -10.61
C GLU B 152 -7.14 6.55 -9.57
N LEU B 153 -6.14 7.41 -9.45
CA LEU B 153 -6.19 8.53 -8.53
C LEU B 153 -7.18 9.57 -9.03
N THR B 154 -7.69 10.34 -8.09
CA THR B 154 -8.64 11.41 -8.38
C THR B 154 -8.10 12.74 -7.88
N THR B 155 -8.76 13.80 -8.32
CA THR B 155 -8.54 15.16 -7.82
C THR B 155 -9.73 15.55 -6.96
N ARG B 156 -9.45 16.02 -5.75
CA ARG B 156 -10.50 16.50 -4.86
C ARG B 156 -11.26 17.64 -5.53
N LYS B 157 -12.57 17.67 -5.29
CA LYS B 157 -13.39 18.70 -5.93
C LYS B 157 -13.01 20.11 -5.46
N ASP B 158 -12.51 20.26 -4.24
CA ASP B 158 -12.13 21.60 -3.78
C ASP B 158 -10.73 22.02 -4.22
N ASP B 159 -9.92 21.16 -4.83
CA ASP B 159 -8.53 21.51 -5.17
C ASP B 159 -8.47 22.22 -6.52
N GLN B 160 -8.99 23.46 -6.54
CA GLN B 160 -9.08 24.41 -7.67
C GLN B 160 -8.48 25.71 -7.17
N GLU B 161 -7.75 26.47 -7.99
CA GLU B 161 -7.03 27.67 -7.56
C GLU B 161 -7.94 28.62 -6.77
N GLU B 162 -9.12 28.95 -7.30
CA GLU B 162 -9.96 29.96 -6.63
C GLU B 162 -10.44 29.45 -5.27
N THR B 163 -10.77 28.17 -5.16
CA THR B 163 -11.15 27.64 -3.85
C THR B 163 -9.96 27.67 -2.88
N VAL B 164 -8.76 27.37 -3.38
CA VAL B 164 -7.57 27.39 -2.55
C VAL B 164 -7.41 28.77 -1.90
N ARG B 165 -7.68 29.80 -2.66
CA ARG B 165 -7.56 31.19 -2.17
C ARG B 165 -8.48 31.39 -0.97
N LYS B 166 -9.72 30.96 -1.05
CA LYS B 166 -10.65 31.10 0.06
C LYS B 166 -10.22 30.24 1.25
N ARG B 167 -9.72 29.05 0.99
CA ARG B 167 -9.26 28.20 2.07
C ARG B 167 -8.10 28.82 2.83
N LEU B 168 -7.23 29.55 2.15
CA LEU B 168 -6.13 30.24 2.82
C LEU B 168 -6.63 31.40 3.67
N VAL B 169 -7.64 32.15 3.19
CA VAL B 169 -8.23 33.19 4.02
C VAL B 169 -8.77 32.59 5.32
N GLU B 170 -9.55 31.51 5.20
CA GLU B 170 -10.08 30.86 6.40
C GLU B 170 -8.96 30.39 7.33
N TYR B 171 -7.88 29.83 6.75
CA TYR B 171 -6.75 29.41 7.57
C TYR B 171 -6.20 30.56 8.40
N HIS B 172 -5.92 31.69 7.74
CA HIS B 172 -5.32 32.78 8.50
C HIS B 172 -6.31 33.37 9.48
N GLN B 173 -7.60 33.37 9.15
CA GLN B 173 -8.59 33.96 10.03
C GLN B 173 -8.83 33.11 11.28
N MET B 174 -8.96 31.81 11.09
N MET B 174 -9.02 31.80 11.12
CA MET B 174 -9.49 30.88 12.08
CA MET B 174 -9.44 30.96 12.23
C MET B 174 -8.47 29.92 12.64
C MET B 174 -8.45 29.92 12.67
N THR B 175 -7.54 29.47 11.81
CA THR B 175 -6.66 28.37 12.14
C THR B 175 -5.25 28.80 12.53
N ALA B 176 -4.69 29.81 11.88
CA ALA B 176 -3.36 30.25 12.27
C ALA B 176 -3.26 30.62 13.75
N PRO B 177 -4.31 31.14 14.41
CA PRO B 177 -4.20 31.38 15.86
C PRO B 177 -3.90 30.16 16.69
N LEU B 178 -4.07 28.95 16.13
CA LEU B 178 -3.73 27.76 16.88
C LEU B 178 -2.23 27.64 17.10
N ILE B 179 -1.42 28.33 16.29
CA ILE B 179 0.02 28.37 16.53
C ILE B 179 0.30 29.00 17.88
N GLY B 180 -0.31 30.17 18.13
CA GLY B 180 -0.19 30.77 19.44
C GLY B 180 -0.81 29.93 20.54
N TYR B 181 -1.98 29.35 20.27
CA TYR B 181 -2.69 28.53 21.24
C TYR B 181 -1.82 27.39 21.76
N TYR B 182 -1.26 26.58 20.86
CA TYR B 182 -0.47 25.45 21.29
C TYR B 182 0.92 25.85 21.73
N SER B 183 1.44 26.98 21.25
CA SER B 183 2.68 27.50 21.83
C SER B 183 2.50 27.80 23.31
N LYS B 184 1.35 28.37 23.70
CA LYS B 184 1.09 28.59 25.12
C LYS B 184 0.90 27.28 25.86
N GLU B 185 0.28 26.29 25.21
CA GLU B 185 0.16 24.97 25.81
C GLU B 185 1.52 24.40 26.19
N ALA B 186 2.50 24.50 25.27
CA ALA B 186 3.83 23.99 25.56
C ALA B 186 4.52 24.79 26.66
N GLU B 187 4.31 26.11 26.70
CA GLU B 187 4.89 26.90 27.79
C GLU B 187 4.32 26.53 29.14
N ALA B 188 3.17 25.89 29.17
CA ALA B 188 2.59 25.41 30.42
C ALA B 188 2.99 23.98 30.73
N GLY B 189 3.79 23.36 29.87
CA GLY B 189 4.18 21.97 30.06
C GLY B 189 3.15 20.96 29.61
N ASN B 190 2.13 21.37 28.86
CA ASN B 190 1.03 20.50 28.49
C ASN B 190 1.27 19.71 27.21
N THR B 191 2.29 20.08 26.44
CA THR B 191 2.65 19.39 25.19
C THR B 191 4.04 19.87 24.82
N LYS B 192 4.65 19.17 23.89
CA LYS B 192 5.91 19.58 23.28
C LYS B 192 5.55 20.24 21.95
N TYR B 193 6.25 21.27 21.56
CA TYR B 193 5.96 22.03 20.35
C TYR B 193 7.23 22.09 19.52
N ALA B 194 7.11 21.81 18.23
CA ALA B 194 8.24 21.99 17.31
C ALA B 194 7.74 22.53 16.00
N LYS B 195 8.48 23.49 15.44
CA LYS B 195 8.20 24.04 14.13
C LYS B 195 9.17 23.41 13.14
N VAL B 196 8.67 23.02 11.97
CA VAL B 196 9.55 22.50 10.93
C VAL B 196 9.36 23.28 9.63
N ASP B 197 10.41 23.27 8.83
CA ASP B 197 10.42 23.96 7.55
C ASP B 197 9.79 23.05 6.52
N GLY B 198 8.52 23.31 6.20
CA GLY B 198 7.78 22.50 5.25
C GLY B 198 8.11 22.71 3.80
N THR B 199 9.04 23.62 3.48
CA THR B 199 9.42 23.81 2.09
C THR B 199 10.48 22.82 1.61
N LYS B 200 11.14 22.11 2.53
CA LYS B 200 12.14 21.12 2.16
C LYS B 200 11.47 19.97 1.42
N PRO B 201 12.24 19.14 0.71
CA PRO B 201 11.65 17.98 0.06
C PRO B 201 11.02 17.03 1.07
N VAL B 202 10.04 16.26 0.58
CA VAL B 202 9.26 15.34 1.42
C VAL B 202 10.18 14.52 2.30
N ALA B 203 11.22 13.91 1.71
CA ALA B 203 12.07 13.01 2.47
C ALA B 203 12.83 13.74 3.56
N GLU B 204 13.16 15.02 3.35
CA GLU B 204 13.89 15.77 4.37
C GLU B 204 12.97 16.18 5.51
N VAL B 205 11.75 16.59 5.21
CA VAL B 205 10.79 16.86 6.28
C VAL B 205 10.58 15.61 7.11
N ARG B 206 10.43 14.47 6.42
CA ARG B 206 10.30 13.19 7.10
C ARG B 206 11.47 12.95 8.05
N ALA B 207 12.68 13.19 7.58
CA ALA B 207 13.85 13.00 8.43
C ALA B 207 13.83 13.95 9.61
N ASP B 208 13.40 15.20 9.41
CA ASP B 208 13.35 16.16 10.51
C ASP B 208 12.36 15.70 11.57
N LEU B 209 11.20 15.18 11.14
CA LEU B 209 10.20 14.74 12.10
C LEU B 209 10.69 13.51 12.88
N GLU B 210 11.47 12.65 12.24
CA GLU B 210 12.04 11.51 12.97
C GLU B 210 13.00 11.98 14.05
N LYS B 211 13.81 13.00 13.77
CA LYS B 211 14.68 13.55 14.80
C LYS B 211 13.87 14.02 16.00
N ILE B 212 12.71 14.63 15.73
CA ILE B 212 11.89 15.17 16.81
C ILE B 212 11.22 14.04 17.59
N LEU B 213 10.67 13.05 16.88
CA LEU B 213 9.74 12.11 17.52
C LEU B 213 10.43 10.93 18.16
N GLY B 214 11.49 10.39 17.55
CA GLY B 214 12.19 9.27 18.13
C GLY B 214 12.30 8.10 17.17
#